data_3C2R
#
_entry.id   3C2R
#
_cell.length_a   155.524
_cell.length_b   155.524
_cell.length_c   121.072
_cell.angle_alpha   90.00
_cell.angle_beta   90.00
_cell.angle_gamma   120.00
#
_symmetry.space_group_name_H-M   'H 3 2'
#
loop_
_entity.id
_entity.type
_entity.pdbx_description
1 polymer 'Nicotinate-nucleotide pyrophosphorylase'
2 non-polymer 'PHTHALIC ACID'
3 water water
#
_entity_poly.entity_id   1
_entity_poly.type   'polypeptide(L)'
_entity_poly.pdbx_seq_one_letter_code
;MPVYEHLLPVNGAWRQDVTNWLSEDVPSFDFGGYVVGSDLKEANLYCKQDGMLCGVPFAQEVFNQCELQVEWLFKEGSFL
EPSKNDSGKIVVAKITGPAKNILLAERTALNILSRSSGIATASHKIISLARSTGYKGTIAGTRKTTPGLRRLEKYSMLVG
GCDTHRYDLSSMVMLKDNHIWATGSITNAVKNARAVCGFAVKIEVECLSEDEATEAIEAGADVIMLDNFKGDGLKMCAQS
LKNKWNGKKHFLLECSGGLNLDNLEEYLCDDIDIYSTSSIHQGTPVIDFSLKLAH
;
_entity_poly.pdbx_strand_id   A,B
#
loop_
_chem_comp.id
_chem_comp.type
_chem_comp.name
_chem_comp.formula
PHT non-polymer 'PHTHALIC ACID' 'C8 H6 O4'
#
# COMPACT_ATOMS: atom_id res chain seq x y z
N PRO A 2 -27.16 8.10 -5.66
CA PRO A 2 -26.21 6.96 -5.80
C PRO A 2 -25.13 7.01 -4.73
N VAL A 3 -24.91 5.89 -4.06
CA VAL A 3 -23.91 5.81 -3.00
C VAL A 3 -22.81 4.83 -3.40
N TYR A 4 -21.58 5.30 -3.37
CA TYR A 4 -20.44 4.47 -3.75
C TYR A 4 -20.33 3.14 -3.02
N GLU A 5 -20.50 3.15 -1.70
CA GLU A 5 -20.39 1.92 -0.92
C GLU A 5 -21.28 0.82 -1.45
N HIS A 6 -22.27 1.19 -2.27
CA HIS A 6 -23.17 0.20 -2.84
C HIS A 6 -22.48 -0.60 -3.93
N LEU A 7 -21.24 -0.24 -4.24
CA LEU A 7 -20.46 -0.94 -5.25
C LEU A 7 -19.98 -2.26 -4.65
N LEU A 8 -19.85 -2.28 -3.33
CA LEU A 8 -19.40 -3.46 -2.59
C LEU A 8 -20.57 -4.39 -2.26
N PRO A 9 -20.46 -5.68 -2.61
CA PRO A 9 -21.54 -6.63 -2.33
C PRO A 9 -21.78 -6.84 -0.83
N VAL A 10 -23.04 -6.95 -0.45
CA VAL A 10 -23.41 -7.13 0.96
C VAL A 10 -22.49 -8.18 1.59
N ASN A 11 -22.19 -9.24 0.86
CA ASN A 11 -21.22 -10.21 1.38
C ASN A 11 -20.31 -10.62 0.24
N GLY A 12 -19.11 -11.07 0.59
CA GLY A 12 -18.15 -11.46 -0.42
C GLY A 12 -16.76 -11.45 0.17
N ALA A 13 -15.75 -11.71 -0.65
CA ALA A 13 -14.38 -11.76 -0.20
C ALA A 13 -13.84 -10.49 0.48
N TRP A 14 -14.36 -9.33 0.15
CA TRP A 14 -13.85 -8.12 0.79
C TRP A 14 -14.03 -8.12 2.30
N ARG A 15 -15.06 -8.81 2.79
CA ARG A 15 -15.27 -8.84 4.23
C ARG A 15 -14.29 -9.80 4.91
N GLN A 16 -13.95 -10.90 4.24
CA GLN A 16 -12.98 -11.83 4.81
C GLN A 16 -11.63 -11.12 4.85
N ASP A 17 -11.42 -10.23 3.88
CA ASP A 17 -10.18 -9.47 3.82
C ASP A 17 -9.99 -8.72 5.13
N VAL A 18 -11.05 -8.04 5.56
CA VAL A 18 -11.00 -7.29 6.80
C VAL A 18 -10.62 -8.22 7.93
N THR A 19 -11.24 -9.40 7.94
CA THR A 19 -10.97 -10.37 8.98
C THR A 19 -9.50 -10.79 9.00
N ASN A 20 -8.94 -11.01 7.82
CA ASN A 20 -7.54 -11.40 7.72
C ASN A 20 -6.64 -10.26 8.12
N TRP A 21 -7.12 -9.03 7.99
CA TRP A 21 -6.32 -7.88 8.37
C TRP A 21 -6.27 -7.81 9.90
N LEU A 22 -7.34 -8.24 10.56
CA LEU A 22 -7.37 -8.25 12.02
C LEU A 22 -6.40 -9.32 12.53
N SER A 23 -6.35 -10.46 11.82
CA SER A 23 -5.49 -11.60 12.19
C SER A 23 -4.03 -11.25 12.03
N GLU A 24 -3.75 -10.42 11.03
CA GLU A 24 -2.41 -9.96 10.71
C GLU A 24 -1.87 -9.18 11.93
N ASP A 25 -2.77 -8.50 12.63
CA ASP A 25 -2.41 -7.68 13.77
C ASP A 25 -2.50 -8.40 15.14
N VAL A 26 -3.20 -9.51 15.20
CA VAL A 26 -3.29 -10.25 16.45
C VAL A 26 -3.07 -11.71 16.16
N PRO A 27 -1.81 -12.10 15.88
CA PRO A 27 -1.52 -13.51 15.58
C PRO A 27 -1.91 -14.46 16.71
N SER A 28 -1.75 -14.00 17.95
CA SER A 28 -2.06 -14.83 19.11
C SER A 28 -2.98 -14.15 20.12
N PHE A 29 -2.41 -13.34 21.02
CA PHE A 29 -3.21 -12.65 22.02
C PHE A 29 -3.12 -11.14 21.93
N ASP A 30 -4.09 -10.48 22.53
CA ASP A 30 -4.11 -9.02 22.55
C ASP A 30 -3.94 -8.60 24.01
N PHE A 31 -2.69 -8.62 24.48
CA PHE A 31 -2.39 -8.25 25.85
C PHE A 31 -3.03 -6.91 26.25
N GLY A 32 -2.83 -5.89 25.44
CA GLY A 32 -3.40 -4.59 25.72
C GLY A 32 -4.90 -4.67 25.96
N GLY A 33 -5.56 -5.56 25.23
CA GLY A 33 -7.00 -5.72 25.38
C GLY A 33 -7.31 -6.35 26.71
N TYR A 34 -6.47 -7.22 27.19
CA TYR A 34 -6.65 -7.86 28.46
C TYR A 34 -6.52 -6.89 29.63
N VAL A 35 -5.65 -5.92 29.54
CA VAL A 35 -5.49 -4.99 30.61
C VAL A 35 -6.58 -3.96 30.63
N VAL A 36 -7.04 -3.59 29.45
CA VAL A 36 -7.98 -2.54 29.28
C VAL A 36 -9.41 -2.98 29.54
N GLY A 37 -9.67 -4.28 29.45
CA GLY A 37 -10.97 -4.85 29.71
C GLY A 37 -12.08 -4.46 28.77
N SER A 38 -13.31 -4.73 29.16
CA SER A 38 -14.48 -4.51 28.31
C SER A 38 -15.49 -3.47 28.75
N ASP A 39 -15.08 -2.45 29.46
CA ASP A 39 -16.00 -1.40 29.81
C ASP A 39 -16.35 -0.56 28.62
N LEU A 40 -17.62 -0.24 28.50
CA LEU A 40 -18.08 0.62 27.44
C LEU A 40 -17.39 1.96 27.43
N LYS A 41 -16.98 2.39 26.26
CA LYS A 41 -16.28 3.66 26.14
C LYS A 41 -16.73 4.42 24.90
N GLU A 42 -16.31 5.67 24.83
CA GLU A 42 -16.63 6.51 23.70
C GLU A 42 -15.30 6.97 23.12
N ALA A 43 -15.27 7.20 21.82
CA ALA A 43 -14.04 7.64 21.19
C ALA A 43 -14.35 8.51 20.00
N ASN A 44 -13.41 9.38 19.65
CA ASN A 44 -13.56 10.26 18.50
C ASN A 44 -12.54 9.91 17.43
N LEU A 45 -13.02 9.76 16.21
CA LEU A 45 -12.14 9.46 15.09
C LEU A 45 -11.85 10.81 14.45
N TYR A 46 -10.59 11.24 14.48
CA TYR A 46 -10.21 12.54 13.93
C TYR A 46 -9.44 12.52 12.61
N CYS A 47 -9.75 13.49 11.76
CA CYS A 47 -9.04 13.66 10.49
C CYS A 47 -8.04 14.75 10.83
N LYS A 48 -6.75 14.47 10.62
CA LYS A 48 -5.70 15.45 10.96
C LYS A 48 -5.07 16.22 9.81
N GLN A 49 -5.54 16.01 8.59
CA GLN A 49 -4.95 16.69 7.42
C GLN A 49 -6.01 16.90 6.34
N ASP A 50 -5.89 18.00 5.60
CA ASP A 50 -6.87 18.29 4.55
C ASP A 50 -6.87 17.23 3.47
N GLY A 51 -8.06 16.88 3.01
CA GLY A 51 -8.18 15.87 1.98
C GLY A 51 -9.57 15.28 1.93
N MET A 52 -9.83 14.50 0.89
CA MET A 52 -11.11 13.86 0.69
C MET A 52 -11.24 12.56 1.50
N LEU A 53 -12.27 12.48 2.34
CA LEU A 53 -12.51 11.31 3.19
C LEU A 53 -12.90 10.10 2.35
N CYS A 54 -12.22 8.98 2.57
CA CYS A 54 -12.52 7.77 1.82
C CYS A 54 -12.17 6.50 2.58
N GLY A 55 -12.83 5.40 2.22
CA GLY A 55 -12.61 4.12 2.88
C GLY A 55 -13.62 3.87 3.98
N VAL A 56 -14.72 4.60 3.95
CA VAL A 56 -15.76 4.48 4.96
C VAL A 56 -16.40 3.10 5.10
N PRO A 57 -16.82 2.48 3.99
CA PRO A 57 -17.42 1.15 4.17
C PRO A 57 -16.41 0.09 4.65
N PHE A 58 -15.15 0.26 4.32
CA PHE A 58 -14.12 -0.68 4.75
C PHE A 58 -13.81 -0.49 6.23
N ALA A 59 -13.76 0.76 6.67
CA ALA A 59 -13.51 1.06 8.07
C ALA A 59 -14.75 0.59 8.87
N GLN A 60 -15.92 0.76 8.28
CA GLN A 60 -17.17 0.35 8.93
C GLN A 60 -17.25 -1.17 9.12
N GLU A 61 -16.71 -1.91 8.16
CA GLU A 61 -16.71 -3.37 8.26
C GLU A 61 -15.77 -3.78 9.39
N VAL A 62 -14.69 -3.01 9.58
CA VAL A 62 -13.75 -3.31 10.67
C VAL A 62 -14.48 -3.07 12.00
N PHE A 63 -15.23 -1.98 12.08
CA PHE A 63 -15.96 -1.67 13.30
C PHE A 63 -17.07 -2.70 13.56
N ASN A 64 -17.70 -3.20 12.49
CA ASN A 64 -18.74 -4.21 12.65
C ASN A 64 -18.18 -5.51 13.24
N GLN A 65 -17.08 -6.01 12.68
CA GLN A 65 -16.48 -7.26 13.15
C GLN A 65 -15.95 -7.17 14.59
N CYS A 66 -15.66 -5.95 15.04
CA CYS A 66 -15.17 -5.75 16.40
C CYS A 66 -16.35 -5.40 17.29
N GLU A 67 -17.56 -5.60 16.76
CA GLU A 67 -18.79 -5.34 17.50
C GLU A 67 -18.85 -3.97 18.19
N LEU A 68 -18.75 -2.92 17.38
CA LEU A 68 -18.80 -1.54 17.85
C LEU A 68 -19.94 -0.80 17.15
N GLN A 69 -20.32 0.36 17.70
CA GLN A 69 -21.35 1.19 17.10
C GLN A 69 -20.60 2.44 16.63
N VAL A 70 -20.88 2.90 15.42
CA VAL A 70 -20.19 4.06 14.87
C VAL A 70 -21.14 5.10 14.29
N GLU A 71 -20.85 6.37 14.55
CA GLU A 71 -21.67 7.47 14.04
C GLU A 71 -20.79 8.32 13.12
N TRP A 72 -20.97 8.18 11.81
CA TRP A 72 -20.19 8.96 10.86
C TRP A 72 -20.77 10.36 10.69
N LEU A 73 -19.91 11.37 10.79
CA LEU A 73 -20.35 12.76 10.66
C LEU A 73 -20.29 13.34 9.27
N PHE A 74 -19.58 12.69 8.36
CA PHE A 74 -19.48 13.18 6.99
C PHE A 74 -19.68 12.03 6.01
N LYS A 75 -20.33 12.33 4.89
CA LYS A 75 -20.54 11.33 3.86
C LYS A 75 -19.18 11.06 3.24
N GLU A 76 -19.02 9.88 2.68
CA GLU A 76 -17.76 9.51 2.05
C GLU A 76 -17.56 10.44 0.86
N GLY A 77 -16.35 10.97 0.72
CA GLY A 77 -16.08 11.86 -0.38
C GLY A 77 -16.11 13.32 0.04
N SER A 78 -16.39 13.57 1.31
CA SER A 78 -16.44 14.94 1.82
C SER A 78 -15.04 15.51 1.91
N PHE A 79 -14.84 16.68 1.32
CA PHE A 79 -13.52 17.31 1.39
C PHE A 79 -13.32 17.87 2.79
N LEU A 80 -12.54 17.18 3.59
CA LEU A 80 -12.27 17.61 4.96
C LEU A 80 -11.14 18.61 4.99
N GLU A 81 -11.23 19.59 5.90
CA GLU A 81 -10.20 20.60 6.04
C GLU A 81 -9.92 20.91 7.50
N PRO A 82 -9.08 20.09 8.14
CA PRO A 82 -8.72 20.28 9.55
C PRO A 82 -7.91 21.56 9.79
N SER A 83 -8.18 22.61 9.00
CA SER A 83 -7.47 23.87 9.13
C SER A 83 -7.65 24.56 10.48
N LYS A 84 -8.89 24.65 10.93
CA LYS A 84 -9.26 25.30 12.19
C LYS A 84 -8.38 24.15 12.70
N ASN A 85 -7.32 24.50 13.43
CA ASN A 85 -6.18 24.56 14.34
C ASN A 85 -6.59 24.74 15.81
N ASP A 86 -7.86 25.07 16.05
CA ASP A 86 -8.36 25.23 17.41
C ASP A 86 -8.07 23.87 18.02
N SER A 87 -7.73 22.97 17.11
CA SER A 87 -7.40 21.58 17.35
C SER A 87 -7.14 22.12 15.95
N GLY A 88 -6.36 21.37 15.18
CA GLY A 88 -6.27 21.00 13.77
C GLY A 88 -6.74 19.59 13.46
N LYS A 89 -8.03 19.36 13.63
CA LYS A 89 -8.64 18.06 13.41
C LYS A 89 -10.15 18.23 13.34
N ILE A 90 -10.82 17.29 12.68
CA ILE A 90 -12.27 17.33 12.55
C ILE A 90 -12.78 15.95 12.93
N VAL A 91 -13.74 15.89 13.85
CA VAL A 91 -14.28 14.60 14.24
C VAL A 91 -15.09 14.06 13.07
N VAL A 92 -14.65 12.93 12.53
CA VAL A 92 -15.33 12.32 11.40
C VAL A 92 -16.26 11.20 11.83
N ALA A 93 -16.11 10.74 13.07
CA ALA A 93 -16.97 9.68 13.55
C ALA A 93 -16.90 9.49 15.06
N LYS A 94 -18.03 9.12 15.64
CA LYS A 94 -18.15 8.86 17.07
C LYS A 94 -18.30 7.35 17.23
N ILE A 95 -17.40 6.76 18.01
CA ILE A 95 -17.40 5.32 18.23
C ILE A 95 -17.68 4.95 19.68
N THR A 96 -18.46 3.89 19.86
CA THR A 96 -18.82 3.42 21.20
C THR A 96 -18.78 1.89 21.26
N GLY A 97 -18.34 1.37 22.41
CA GLY A 97 -18.28 -0.07 22.59
C GLY A 97 -17.29 -0.49 23.67
N PRO A 98 -17.07 -1.80 23.84
CA PRO A 98 -16.14 -2.31 24.86
C PRO A 98 -14.75 -1.72 24.64
N ALA A 99 -14.11 -1.31 25.72
CA ALA A 99 -12.79 -0.71 25.62
C ALA A 99 -11.79 -1.50 24.76
N LYS A 100 -11.68 -2.80 24.96
CA LYS A 100 -10.74 -3.61 24.17
C LYS A 100 -11.12 -3.66 22.69
N ASN A 101 -12.41 -3.60 22.39
CA ASN A 101 -12.83 -3.65 21.01
C ASN A 101 -12.41 -2.39 20.26
N ILE A 102 -12.56 -1.23 20.88
CA ILE A 102 -12.15 0.02 20.23
C ILE A 102 -10.65 0.00 19.94
N LEU A 103 -9.85 -0.32 20.95
CA LEU A 103 -8.40 -0.35 20.78
C LEU A 103 -7.91 -1.40 19.79
N LEU A 104 -8.66 -2.49 19.62
CA LEU A 104 -8.28 -3.54 18.67
C LEU A 104 -8.58 -3.10 17.23
N ALA A 105 -9.71 -2.44 17.05
CA ALA A 105 -10.12 -1.98 15.72
C ALA A 105 -9.34 -0.75 15.24
N GLU A 106 -8.83 0.04 16.17
CA GLU A 106 -8.10 1.27 15.89
C GLU A 106 -7.00 1.44 14.83
N ARG A 107 -5.94 0.65 14.96
CA ARG A 107 -4.90 0.67 13.96
C ARG A 107 -5.36 0.23 12.57
N THR A 108 -5.95 -0.94 12.49
CA THR A 108 -6.45 -1.46 11.21
C THR A 108 -7.37 -0.48 10.49
N ALA A 109 -8.33 0.10 11.22
CA ALA A 109 -9.28 1.03 10.61
C ALA A 109 -8.61 2.30 10.14
N LEU A 110 -7.64 2.78 10.91
CA LEU A 110 -6.91 3.99 10.57
C LEU A 110 -6.03 3.77 9.35
N ASN A 111 -5.36 2.62 9.29
CA ASN A 111 -4.52 2.32 8.14
C ASN A 111 -5.37 2.30 6.88
N ILE A 112 -6.63 1.89 7.03
CA ILE A 112 -7.55 1.85 5.89
C ILE A 112 -7.92 3.25 5.43
N LEU A 113 -8.41 4.03 6.38
CA LEU A 113 -8.84 5.40 6.11
C LEU A 113 -7.74 6.31 5.58
N SER A 114 -6.57 6.23 6.20
CA SER A 114 -5.44 7.05 5.80
C SER A 114 -5.04 6.81 4.33
N ARG A 115 -4.93 5.55 3.93
CA ARG A 115 -4.55 5.21 2.57
C ARG A 115 -5.66 5.43 1.55
N SER A 116 -6.89 5.09 1.91
CA SER A 116 -8.01 5.26 1.00
C SER A 116 -8.23 6.74 0.75
N SER A 117 -8.19 7.53 1.83
CA SER A 117 -8.38 8.98 1.70
C SER A 117 -7.21 9.56 0.91
N GLY A 118 -6.01 9.03 1.14
CA GLY A 118 -4.84 9.51 0.42
C GLY A 118 -5.05 9.39 -1.08
N ILE A 119 -5.39 8.20 -1.53
CA ILE A 119 -5.61 7.95 -2.95
C ILE A 119 -6.79 8.74 -3.52
N ALA A 120 -7.85 8.89 -2.75
CA ALA A 120 -9.02 9.63 -3.22
C ALA A 120 -8.58 11.07 -3.45
N THR A 121 -7.81 11.58 -2.49
CA THR A 121 -7.31 12.93 -2.54
C THR A 121 -6.36 13.15 -3.73
N ALA A 122 -5.34 12.31 -3.85
CA ALA A 122 -4.38 12.41 -4.95
C ALA A 122 -5.11 12.31 -6.28
N SER A 123 -6.11 11.46 -6.33
CA SER A 123 -6.89 11.26 -7.55
C SER A 123 -7.73 12.48 -7.89
N HIS A 124 -8.25 13.13 -6.85
CA HIS A 124 -9.10 14.29 -7.07
C HIS A 124 -8.28 15.52 -7.43
N LYS A 125 -7.15 15.74 -6.75
CA LYS A 125 -6.34 16.90 -7.06
C LYS A 125 -5.66 16.76 -8.42
N ILE A 126 -5.56 15.53 -8.92
CA ILE A 126 -4.93 15.35 -10.21
C ILE A 126 -5.92 15.49 -11.36
N ILE A 127 -7.11 14.94 -11.20
CA ILE A 127 -8.11 15.04 -12.26
C ILE A 127 -8.59 16.48 -12.41
N SER A 128 -8.59 17.23 -11.31
CA SER A 128 -9.03 18.62 -11.37
C SER A 128 -7.86 19.43 -11.92
N LEU A 129 -6.66 19.04 -11.54
CA LEU A 129 -5.46 19.73 -12.01
C LEU A 129 -5.41 19.69 -13.54
N ALA A 130 -5.86 18.58 -14.11
CA ALA A 130 -5.86 18.43 -15.56
C ALA A 130 -7.13 19.05 -16.11
N ARG A 131 -8.12 19.22 -15.24
CA ARG A 131 -9.40 19.82 -15.60
C ARG A 131 -9.24 21.33 -15.78
N SER A 132 -8.32 21.91 -15.02
CA SER A 132 -8.08 23.35 -15.07
C SER A 132 -7.15 23.77 -16.21
N THR A 133 -7.12 22.96 -17.27
CA THR A 133 -6.28 23.27 -18.41
C THR A 133 -7.08 23.04 -19.68
N GLY A 134 -8.39 23.19 -19.57
CA GLY A 134 -9.28 23.01 -20.71
C GLY A 134 -9.57 21.55 -21.02
N TYR A 135 -8.66 20.66 -20.63
CA TYR A 135 -8.87 19.23 -20.88
C TYR A 135 -10.22 18.81 -20.33
N LYS A 136 -11.06 18.24 -21.18
CA LYS A 136 -12.38 17.77 -20.76
C LYS A 136 -12.51 16.26 -20.92
N GLY A 137 -11.39 15.60 -21.23
CA GLY A 137 -11.41 14.16 -21.38
C GLY A 137 -11.47 13.57 -19.99
N THR A 138 -10.64 12.58 -19.70
CA THR A 138 -10.66 11.99 -18.36
C THR A 138 -9.35 11.35 -17.93
N ILE A 139 -9.14 11.34 -16.62
CA ILE A 139 -7.94 10.74 -16.03
C ILE A 139 -8.28 9.34 -15.52
N ALA A 140 -7.40 8.39 -15.79
CA ALA A 140 -7.61 7.01 -15.38
C ALA A 140 -6.44 6.42 -14.61
N GLY A 141 -6.73 5.33 -13.91
CA GLY A 141 -5.72 4.66 -13.13
C GLY A 141 -5.02 3.58 -13.94
N THR A 142 -4.35 2.67 -13.24
CA THR A 142 -3.61 1.60 -13.89
C THR A 142 -3.74 0.33 -13.05
N ARG A 143 -2.90 -0.67 -13.33
CA ARG A 143 -2.90 -1.92 -12.58
C ARG A 143 -1.74 -1.91 -11.57
N LYS A 144 -1.07 -0.76 -11.46
CA LYS A 144 0.04 -0.63 -10.55
C LYS A 144 -0.45 -0.38 -9.12
N THR A 145 -1.33 -1.27 -8.65
CA THR A 145 -1.90 -1.15 -7.32
C THR A 145 -1.15 -1.97 -6.27
N THR A 146 -1.40 -1.68 -5.01
CA THR A 146 -0.76 -2.40 -3.91
C THR A 146 -1.28 -3.83 -3.90
N PRO A 147 -0.38 -4.83 -3.83
CA PRO A 147 -0.77 -6.25 -3.81
C PRO A 147 -1.78 -6.59 -2.71
N GLY A 148 -2.89 -7.21 -3.10
CA GLY A 148 -3.91 -7.58 -2.13
C GLY A 148 -4.83 -6.45 -1.74
N LEU A 149 -4.59 -5.25 -2.25
CA LEU A 149 -5.43 -4.10 -1.88
C LEU A 149 -6.04 -3.43 -3.11
N ARG A 150 -6.12 -4.14 -4.21
CA ARG A 150 -6.66 -3.58 -5.45
C ARG A 150 -8.09 -3.06 -5.31
N ARG A 151 -8.97 -3.85 -4.70
CA ARG A 151 -10.36 -3.43 -4.54
C ARG A 151 -10.48 -2.09 -3.80
N LEU A 152 -9.76 -1.94 -2.69
CA LEU A 152 -9.81 -0.69 -1.91
C LEU A 152 -9.25 0.50 -2.68
N GLU A 153 -8.11 0.30 -3.33
CA GLU A 153 -7.47 1.39 -4.09
C GLU A 153 -8.27 1.84 -5.31
N LYS A 154 -8.84 0.89 -6.06
CA LYS A 154 -9.65 1.25 -7.24
C LYS A 154 -10.90 1.99 -6.75
N TYR A 155 -11.42 1.56 -5.61
CA TYR A 155 -12.60 2.18 -5.00
C TYR A 155 -12.25 3.64 -4.68
N SER A 156 -11.08 3.87 -4.11
CA SER A 156 -10.64 5.23 -3.77
C SER A 156 -10.56 6.11 -5.01
N MET A 157 -10.01 5.55 -6.10
CA MET A 157 -9.90 6.30 -7.35
C MET A 157 -11.27 6.84 -7.77
N LEU A 158 -12.29 5.98 -7.73
CA LEU A 158 -13.65 6.35 -8.13
C LEU A 158 -14.22 7.50 -7.31
N VAL A 159 -14.17 7.37 -5.98
CA VAL A 159 -14.66 8.42 -5.11
C VAL A 159 -13.84 9.68 -5.39
N GLY A 160 -12.57 9.48 -5.75
CA GLY A 160 -11.68 10.59 -6.04
C GLY A 160 -12.07 11.32 -7.30
N GLY A 161 -12.89 10.69 -8.13
CA GLY A 161 -13.34 11.31 -9.36
C GLY A 161 -12.67 10.82 -10.63
N CYS A 162 -11.70 9.93 -10.50
CA CYS A 162 -11.02 9.42 -11.67
C CYS A 162 -11.64 8.15 -12.20
N ASP A 163 -11.22 7.76 -13.40
CA ASP A 163 -11.71 6.54 -14.00
C ASP A 163 -10.73 5.52 -13.44
N THR A 164 -11.23 4.34 -13.08
CA THR A 164 -10.38 3.32 -12.50
C THR A 164 -9.60 2.56 -13.57
N HIS A 165 -10.11 2.59 -14.80
CA HIS A 165 -9.52 1.86 -15.94
C HIS A 165 -9.87 0.39 -15.74
N ARG A 166 -9.38 -0.49 -16.61
CA ARG A 166 -9.65 -1.93 -16.49
C ARG A 166 -9.27 -2.35 -15.05
N TYR A 167 -10.02 -3.28 -14.48
CA TYR A 167 -9.72 -3.73 -13.12
C TYR A 167 -8.56 -4.72 -13.04
N ASP A 168 -8.53 -5.69 -13.95
CA ASP A 168 -7.48 -6.70 -13.93
C ASP A 168 -7.16 -7.23 -15.32
N LEU A 169 -6.41 -8.34 -15.37
CA LEU A 169 -6.05 -8.97 -16.63
C LEU A 169 -7.20 -9.77 -17.22
N SER A 170 -8.42 -9.54 -16.73
CA SER A 170 -9.57 -10.27 -17.24
C SER A 170 -10.70 -9.30 -17.60
N SER A 171 -10.43 -8.00 -17.44
CA SER A 171 -11.43 -6.96 -17.66
C SER A 171 -11.40 -6.11 -18.93
N MET A 172 -10.49 -6.41 -19.84
CA MET A 172 -10.37 -5.66 -21.09
C MET A 172 -9.32 -6.66 -21.48
N VAL A 173 -8.98 -6.68 -22.76
CA VAL A 173 -7.73 -7.07 -23.38
C VAL A 173 -6.91 -5.84 -23.76
N MET A 174 -5.66 -5.82 -23.33
CA MET A 174 -4.74 -4.74 -23.66
C MET A 174 -3.58 -5.39 -24.39
N LEU A 175 -3.57 -5.22 -25.71
CA LEU A 175 -2.52 -5.80 -26.56
C LEU A 175 -1.40 -4.82 -26.89
N LYS A 176 -0.17 -5.30 -26.85
CA LYS A 176 1.00 -4.50 -27.17
C LYS A 176 1.77 -5.15 -28.33
N ASP A 177 2.93 -4.59 -28.63
CA ASP A 177 3.79 -5.10 -29.69
C ASP A 177 3.93 -6.63 -29.54
N ASN A 178 4.13 -7.06 -28.31
CA ASN A 178 4.28 -8.47 -27.98
C ASN A 178 3.18 -9.31 -28.63
N HIS A 179 1.94 -8.96 -28.32
CA HIS A 179 0.77 -9.67 -28.84
C HIS A 179 0.62 -9.52 -30.36
N ILE A 180 1.20 -8.45 -30.92
CA ILE A 180 1.11 -8.22 -32.37
C ILE A 180 2.20 -9.01 -33.08
N TRP A 181 3.42 -8.97 -32.55
CA TRP A 181 4.52 -9.71 -33.13
C TRP A 181 4.14 -11.17 -33.13
N ALA A 182 3.62 -11.62 -32.00
CA ALA A 182 3.21 -13.01 -31.86
C ALA A 182 2.16 -13.43 -32.87
N THR A 183 1.08 -12.64 -33.00
CA THR A 183 0.01 -12.97 -33.94
C THR A 183 0.28 -12.64 -35.41
N GLY A 184 1.23 -11.75 -35.67
CA GLY A 184 1.55 -11.40 -37.04
C GLY A 184 1.08 -10.02 -37.45
N SER A 185 -0.12 -9.64 -37.02
CA SER A 185 -0.66 -8.33 -37.35
C SER A 185 -1.62 -7.86 -36.27
N ILE A 186 -1.74 -6.54 -36.14
CA ILE A 186 -2.65 -5.98 -35.15
C ILE A 186 -4.04 -6.58 -35.37
N THR A 187 -4.34 -6.91 -36.62
CA THR A 187 -5.63 -7.49 -36.96
C THR A 187 -5.72 -8.92 -36.48
N ASN A 188 -4.62 -9.66 -36.59
CA ASN A 188 -4.62 -11.06 -36.14
C ASN A 188 -4.72 -11.11 -34.61
N ALA A 189 -4.02 -10.18 -33.96
CA ALA A 189 -4.04 -10.11 -32.49
C ALA A 189 -5.44 -9.78 -32.02
N VAL A 190 -6.05 -8.77 -32.63
CA VAL A 190 -7.39 -8.36 -32.26
C VAL A 190 -8.40 -9.47 -32.57
N LYS A 191 -8.18 -10.18 -33.68
CA LYS A 191 -9.09 -11.27 -34.05
C LYS A 191 -9.05 -12.36 -32.97
N ASN A 192 -7.84 -12.67 -32.50
CA ASN A 192 -7.62 -13.67 -31.47
C ASN A 192 -8.22 -13.21 -30.14
N ALA A 193 -7.89 -11.99 -29.73
CA ALA A 193 -8.41 -11.45 -28.49
C ALA A 193 -9.94 -11.50 -28.55
N ARG A 194 -10.50 -11.10 -29.68
CA ARG A 194 -11.94 -11.09 -29.86
C ARG A 194 -12.53 -12.51 -29.82
N ALA A 195 -11.76 -13.47 -30.32
CA ALA A 195 -12.22 -14.86 -30.32
C ALA A 195 -12.46 -15.41 -28.92
N VAL A 196 -11.78 -14.84 -27.93
CA VAL A 196 -11.96 -15.31 -26.56
C VAL A 196 -12.73 -14.35 -25.65
N CYS A 197 -12.49 -13.05 -25.75
CA CYS A 197 -13.23 -12.13 -24.89
C CYS A 197 -14.68 -11.92 -25.33
N GLY A 198 -14.94 -12.09 -26.61
CA GLY A 198 -16.30 -11.93 -27.10
C GLY A 198 -16.78 -10.49 -27.22
N PHE A 199 -18.07 -10.33 -27.54
CA PHE A 199 -18.66 -9.01 -27.70
C PHE A 199 -18.76 -8.19 -26.42
N ALA A 200 -18.93 -8.87 -25.29
CA ALA A 200 -19.10 -8.21 -24.00
C ALA A 200 -17.93 -7.40 -23.44
N VAL A 201 -16.71 -7.71 -23.87
CA VAL A 201 -15.54 -7.00 -23.36
C VAL A 201 -14.79 -6.27 -24.47
N LYS A 202 -14.25 -5.12 -24.11
CA LYS A 202 -13.50 -4.31 -25.06
C LYS A 202 -12.09 -4.84 -25.28
N ILE A 203 -11.45 -4.31 -26.33
CA ILE A 203 -10.08 -4.67 -26.70
C ILE A 203 -9.32 -3.37 -26.98
N GLU A 204 -8.19 -3.18 -26.33
CA GLU A 204 -7.41 -1.98 -26.57
C GLU A 204 -6.08 -2.39 -27.18
N VAL A 205 -5.64 -1.65 -28.19
CA VAL A 205 -4.38 -1.95 -28.87
C VAL A 205 -3.44 -0.75 -28.70
N GLU A 206 -2.20 -1.02 -28.30
CA GLU A 206 -1.21 0.04 -28.11
C GLU A 206 -0.46 0.38 -29.39
N CYS A 207 -1.13 1.04 -30.32
CA CYS A 207 -0.54 1.42 -31.61
C CYS A 207 0.51 2.53 -31.45
N LEU A 208 1.50 2.53 -32.32
CA LEU A 208 2.56 3.53 -32.29
C LEU A 208 2.73 4.14 -33.69
N SER A 209 1.65 4.11 -34.46
CA SER A 209 1.64 4.63 -35.83
C SER A 209 0.16 4.69 -36.17
N GLU A 210 -0.29 5.82 -36.72
CA GLU A 210 -1.63 5.95 -37.28
C GLU A 210 -1.90 4.94 -38.38
N ASP A 211 -0.84 4.49 -39.03
CA ASP A 211 -0.95 3.50 -40.10
C ASP A 211 -1.52 2.20 -39.53
N GLU A 212 -0.93 1.73 -38.44
CA GLU A 212 -1.39 0.51 -37.80
C GLU A 212 -2.60 0.79 -36.93
N ALA A 213 -2.55 1.92 -36.23
CA ALA A 213 -3.64 2.33 -35.35
C ALA A 213 -4.98 2.20 -36.07
N THR A 214 -4.97 2.41 -37.38
CA THR A 214 -6.19 2.34 -38.16
C THR A 214 -6.56 0.89 -38.50
N GLU A 215 -5.55 0.03 -38.61
CA GLU A 215 -5.83 -1.37 -38.89
C GLU A 215 -6.31 -1.98 -37.57
N ALA A 216 -5.93 -1.35 -36.47
CA ALA A 216 -6.34 -1.79 -35.15
C ALA A 216 -7.77 -1.32 -34.99
N ILE A 217 -8.02 -0.09 -35.42
CA ILE A 217 -9.35 0.49 -35.34
C ILE A 217 -10.34 -0.29 -36.21
N GLU A 218 -9.85 -0.88 -37.30
CA GLU A 218 -10.72 -1.66 -38.17
C GLU A 218 -10.69 -3.13 -37.79
N ALA A 219 -9.60 -3.56 -37.16
CA ALA A 219 -9.47 -4.94 -36.73
C ALA A 219 -10.60 -5.25 -35.75
N GLY A 220 -11.16 -4.20 -35.17
CA GLY A 220 -12.26 -4.36 -34.23
C GLY A 220 -11.99 -3.72 -32.88
N ALA A 221 -10.81 -3.13 -32.72
CA ALA A 221 -10.45 -2.49 -31.45
C ALA A 221 -11.56 -1.57 -30.95
N ASP A 222 -11.57 -1.35 -29.64
CA ASP A 222 -12.57 -0.49 -29.03
C ASP A 222 -11.86 0.74 -28.47
N VAL A 223 -10.57 0.59 -28.24
CA VAL A 223 -9.74 1.65 -27.70
C VAL A 223 -8.36 1.62 -28.31
N ILE A 224 -7.84 2.79 -28.64
CA ILE A 224 -6.50 2.88 -29.23
C ILE A 224 -5.60 3.66 -28.28
N MET A 225 -4.48 3.07 -27.93
CA MET A 225 -3.48 3.73 -27.12
C MET A 225 -2.24 4.15 -27.85
N LEU A 226 -1.73 5.33 -27.52
CA LEU A 226 -0.45 5.84 -28.03
C LEU A 226 0.40 6.19 -26.84
N ASP A 227 1.71 6.09 -26.97
CA ASP A 227 2.54 6.48 -25.85
C ASP A 227 3.91 6.81 -26.31
N ASN A 228 4.51 7.80 -25.65
CA ASN A 228 5.85 8.23 -25.97
C ASN A 228 6.58 7.34 -26.99
N HIS A 250 -16.61 5.56 -33.20
CA HIS A 250 -16.72 4.11 -33.06
C HIS A 250 -15.58 3.53 -32.22
N PHE A 251 -14.82 4.41 -31.57
CA PHE A 251 -13.71 3.97 -30.73
C PHE A 251 -13.14 5.11 -29.88
N LEU A 252 -12.48 4.75 -28.78
CA LEU A 252 -11.88 5.71 -27.88
C LEU A 252 -10.38 5.81 -28.12
N LEU A 253 -9.75 6.82 -27.54
CA LEU A 253 -8.32 7.02 -27.72
C LEU A 253 -7.66 7.38 -26.38
N GLU A 254 -6.52 6.75 -26.09
CA GLU A 254 -5.82 7.00 -24.83
C GLU A 254 -4.33 7.29 -24.94
N CYS A 255 -3.83 8.06 -23.99
CA CYS A 255 -2.42 8.39 -23.92
C CYS A 255 -1.97 7.89 -22.54
N SER A 256 -0.92 7.11 -22.52
CA SER A 256 -0.47 6.57 -21.26
C SER A 256 0.90 7.06 -20.90
N GLY A 257 1.12 7.42 -19.64
CA GLY A 257 2.46 7.79 -19.26
C GLY A 257 2.70 8.62 -18.02
N GLY A 258 3.31 9.79 -18.23
CA GLY A 258 3.80 10.66 -17.17
C GLY A 258 2.96 11.81 -16.65
N LEU A 259 3.57 12.98 -16.45
CA LEU A 259 2.92 14.06 -15.71
C LEU A 259 3.46 15.51 -15.79
N ASN A 260 2.85 16.34 -16.64
CA ASN A 260 2.86 17.80 -16.49
C ASN A 260 2.18 18.52 -17.64
N LEU A 261 1.96 19.82 -17.44
CA LEU A 261 1.72 20.83 -18.45
C LEU A 261 0.92 20.29 -19.62
N LEU A 268 -0.13 20.31 -22.90
CA LEU A 268 0.24 18.89 -22.94
C LEU A 268 -0.99 17.99 -23.09
N CYS A 269 -2.15 18.49 -22.70
CA CYS A 269 -3.36 17.70 -22.80
C CYS A 269 -4.15 17.96 -24.08
N ASP A 270 -3.89 17.12 -25.09
CA ASP A 270 -4.57 17.21 -26.37
C ASP A 270 -5.97 16.67 -26.10
N ASP A 271 -6.82 16.65 -27.11
CA ASP A 271 -8.16 16.13 -26.91
C ASP A 271 -8.27 14.62 -27.12
N ILE A 272 -7.53 13.90 -26.29
CA ILE A 272 -7.50 12.44 -26.31
C ILE A 272 -8.57 12.04 -25.29
N ASP A 273 -9.32 10.99 -25.59
CA ASP A 273 -10.39 10.54 -24.70
C ASP A 273 -9.93 10.21 -23.28
N ILE A 274 -8.74 9.64 -23.14
CA ILE A 274 -8.25 9.24 -21.82
C ILE A 274 -6.76 9.43 -21.62
N TYR A 275 -6.39 9.78 -20.40
CA TYR A 275 -4.99 9.93 -20.00
C TYR A 275 -4.87 9.14 -18.70
N SER A 276 -4.01 8.11 -18.71
CA SER A 276 -3.81 7.28 -17.53
C SER A 276 -2.48 7.57 -16.84
N THR A 277 -2.45 7.36 -15.54
CA THR A 277 -1.26 7.60 -14.76
C THR A 277 -1.39 6.90 -13.42
N SER A 278 -0.30 6.30 -12.94
CA SER A 278 -0.31 5.61 -11.66
C SER A 278 -0.16 6.64 -10.54
N SER A 279 -0.06 7.90 -10.91
CA SER A 279 0.11 8.99 -9.95
C SER A 279 -1.09 9.19 -9.03
N ILE A 280 -2.28 8.87 -9.52
CA ILE A 280 -3.48 9.05 -8.71
C ILE A 280 -3.65 7.99 -7.61
N HIS A 281 -2.87 6.90 -7.68
CA HIS A 281 -2.99 5.84 -6.68
C HIS A 281 -1.71 5.26 -6.11
N GLN A 282 -0.66 5.17 -6.92
CA GLN A 282 0.62 4.60 -6.47
C GLN A 282 1.60 5.63 -5.93
N GLY A 283 2.16 5.34 -4.75
CA GLY A 283 3.13 6.23 -4.14
C GLY A 283 2.58 7.57 -3.68
N THR A 284 1.30 7.62 -3.36
CA THR A 284 0.66 8.86 -2.92
C THR A 284 0.79 9.06 -1.40
N PRO A 285 0.70 10.31 -0.94
CA PRO A 285 0.81 10.54 0.50
C PRO A 285 -0.51 10.09 1.13
N VAL A 286 -0.46 9.78 2.42
CA VAL A 286 -1.63 9.34 3.14
C VAL A 286 -2.28 10.54 3.85
N ILE A 287 -3.49 10.36 4.36
CA ILE A 287 -4.20 11.40 5.09
C ILE A 287 -4.30 10.99 6.57
N ASP A 288 -3.52 11.65 7.41
CA ASP A 288 -3.48 11.38 8.85
C ASP A 288 -4.82 11.32 9.58
N PHE A 289 -5.01 10.25 10.37
CA PHE A 289 -6.21 10.10 11.18
C PHE A 289 -5.79 9.63 12.57
N SER A 290 -6.70 9.74 13.52
CA SER A 290 -6.40 9.30 14.88
C SER A 290 -7.70 8.97 15.58
N LEU A 291 -7.60 8.23 16.68
CA LEU A 291 -8.76 7.84 17.46
C LEU A 291 -8.42 8.00 18.94
N LYS A 292 -9.31 8.64 19.69
CA LYS A 292 -9.07 8.85 21.11
C LYS A 292 -10.31 8.60 21.97
N LEU A 293 -10.11 7.94 23.10
CA LEU A 293 -11.20 7.65 24.03
C LEU A 293 -11.61 8.96 24.70
N ALA A 294 -12.86 9.02 25.15
CA ALA A 294 -13.40 10.22 25.79
C ALA A 294 -12.67 10.66 27.05
N HIS A 295 -12.46 9.73 27.98
CA HIS A 295 -11.80 10.03 29.26
C HIS A 295 -10.94 11.28 29.20
N PRO B 2 25.19 -12.34 6.73
CA PRO B 2 23.78 -12.76 6.86
C PRO B 2 22.92 -12.20 5.72
N VAL B 3 21.96 -12.99 5.27
CA VAL B 3 21.08 -12.59 4.18
C VAL B 3 19.65 -12.31 4.65
N TYR B 4 19.17 -11.12 4.35
CA TYR B 4 17.82 -10.74 4.76
C TYR B 4 16.74 -11.71 4.33
N GLU B 5 16.84 -12.22 3.10
CA GLU B 5 15.82 -13.13 2.61
C GLU B 5 15.70 -14.42 3.42
N HIS B 6 16.64 -14.64 4.34
CA HIS B 6 16.59 -15.84 5.18
C HIS B 6 15.63 -15.67 6.35
N LEU B 7 15.02 -14.50 6.42
CA LEU B 7 14.05 -14.20 7.46
C LEU B 7 12.72 -14.86 7.08
N LEU B 8 12.53 -15.12 5.79
CA LEU B 8 11.31 -15.74 5.26
C LEU B 8 11.39 -17.27 5.28
N PRO B 9 10.48 -17.94 6.01
CA PRO B 9 10.47 -19.40 6.10
C PRO B 9 10.38 -20.07 4.74
N VAL B 10 11.14 -21.14 4.54
CA VAL B 10 11.17 -21.85 3.26
C VAL B 10 9.74 -22.00 2.74
N ASN B 11 8.80 -22.26 3.64
CA ASN B 11 7.42 -22.32 3.24
C ASN B 11 6.57 -21.68 4.31
N GLY B 12 5.45 -21.10 3.89
CA GLY B 12 4.58 -20.45 4.84
C GLY B 12 3.51 -19.66 4.12
N ALA B 13 2.70 -18.95 4.89
CA ALA B 13 1.63 -18.17 4.32
C ALA B 13 2.10 -17.07 3.34
N TRP B 14 3.35 -16.61 3.44
CA TRP B 14 3.79 -15.54 2.55
C TRP B 14 3.81 -16.00 1.09
N ARG B 15 3.96 -17.29 0.87
CA ARG B 15 3.97 -17.79 -0.50
C ARG B 15 2.53 -17.90 -1.03
N GLN B 16 1.58 -18.23 -0.15
CA GLN B 16 0.19 -18.30 -0.58
C GLN B 16 -0.27 -16.87 -0.91
N ASP B 17 0.33 -15.88 -0.25
CA ASP B 17 -0.03 -14.49 -0.52
C ASP B 17 0.27 -14.14 -1.96
N VAL B 18 1.43 -14.60 -2.43
CA VAL B 18 1.83 -14.35 -3.79
C VAL B 18 0.82 -14.99 -4.72
N THR B 19 0.37 -16.18 -4.35
CA THR B 19 -0.61 -16.85 -5.18
C THR B 19 -1.89 -16.02 -5.20
N ASN B 20 -2.29 -15.51 -4.03
CA ASN B 20 -3.49 -14.70 -3.95
C ASN B 20 -3.35 -13.39 -4.70
N TRP B 21 -2.13 -12.88 -4.83
CA TRP B 21 -1.95 -11.64 -5.57
C TRP B 21 -2.13 -11.91 -7.07
N LEU B 22 -1.70 -13.09 -7.52
CA LEU B 22 -1.85 -13.46 -8.92
C LEU B 22 -3.35 -13.60 -9.25
N SER B 23 -4.10 -14.27 -8.38
CA SER B 23 -5.54 -14.49 -8.57
C SER B 23 -6.30 -13.17 -8.62
N GLU B 24 -5.81 -12.18 -7.87
CA GLU B 24 -6.40 -10.86 -7.81
C GLU B 24 -6.30 -10.21 -9.18
N ASP B 25 -5.26 -10.60 -9.93
CA ASP B 25 -5.03 -10.03 -11.24
C ASP B 25 -5.70 -10.84 -12.34
N VAL B 26 -5.91 -12.13 -12.11
CA VAL B 26 -6.57 -12.96 -13.12
C VAL B 26 -7.79 -13.68 -12.55
N PRO B 27 -8.87 -12.94 -12.29
CA PRO B 27 -10.05 -13.61 -11.74
C PRO B 27 -10.61 -14.73 -12.63
N SER B 28 -10.62 -14.53 -13.94
CA SER B 28 -11.14 -15.54 -14.87
C SER B 28 -10.09 -16.02 -15.87
N PHE B 29 -10.00 -15.36 -17.02
CA PHE B 29 -9.02 -15.73 -18.04
C PHE B 29 -8.04 -14.61 -18.32
N ASP B 30 -6.86 -14.97 -18.79
CA ASP B 30 -5.82 -14.01 -19.17
C ASP B 30 -5.86 -13.99 -20.70
N PHE B 31 -6.69 -13.12 -21.27
CA PHE B 31 -6.83 -13.02 -22.72
C PHE B 31 -5.53 -12.68 -23.42
N GLY B 32 -4.79 -11.73 -22.87
CA GLY B 32 -3.52 -11.35 -23.46
C GLY B 32 -2.55 -12.51 -23.57
N GLY B 33 -2.54 -13.38 -22.56
CA GLY B 33 -1.64 -14.52 -22.58
C GLY B 33 -2.04 -15.52 -23.64
N TYR B 34 -3.31 -15.52 -24.00
CA TYR B 34 -3.82 -16.43 -25.01
C TYR B 34 -3.23 -16.06 -26.38
N VAL B 35 -3.28 -14.78 -26.71
CA VAL B 35 -2.76 -14.33 -27.99
C VAL B 35 -1.23 -14.37 -28.07
N VAL B 36 -0.53 -13.98 -27.00
CA VAL B 36 0.92 -13.99 -27.03
C VAL B 36 1.54 -15.38 -26.97
N GLY B 37 0.74 -16.37 -26.61
CA GLY B 37 1.23 -17.74 -26.56
C GLY B 37 2.34 -18.07 -25.58
N SER B 38 2.83 -19.30 -25.65
CA SER B 38 3.89 -19.77 -24.77
C SER B 38 5.29 -19.85 -25.34
N ASP B 39 5.57 -19.08 -26.39
CA ASP B 39 6.90 -19.11 -26.96
C ASP B 39 7.91 -18.59 -25.94
N LEU B 40 9.06 -19.26 -25.87
CA LEU B 40 10.10 -18.84 -24.94
C LEU B 40 10.62 -17.47 -25.31
N LYS B 41 10.57 -16.56 -24.35
CA LYS B 41 11.06 -15.21 -24.58
C LYS B 41 12.11 -14.87 -23.55
N GLU B 42 12.68 -13.68 -23.68
CA GLU B 42 13.69 -13.21 -22.75
C GLU B 42 13.31 -11.77 -22.50
N ALA B 43 13.52 -11.31 -21.28
CA ALA B 43 13.16 -9.94 -20.95
C ALA B 43 14.10 -9.31 -19.93
N ASN B 44 14.12 -7.99 -19.92
CA ASN B 44 14.94 -7.25 -18.99
C ASN B 44 14.03 -6.54 -18.00
N LEU B 45 14.44 -6.54 -16.74
CA LEU B 45 13.70 -5.89 -15.68
C LEU B 45 14.52 -4.65 -15.35
N TYR B 46 13.97 -3.48 -15.65
CA TYR B 46 14.67 -2.23 -15.41
C TYR B 46 14.24 -1.43 -14.19
N CYS B 47 15.22 -0.77 -13.58
CA CYS B 47 14.96 0.12 -12.47
C CYS B 47 15.04 1.47 -13.16
N LYS B 48 14.04 2.33 -12.96
CA LYS B 48 14.06 3.62 -13.63
C LYS B 48 14.23 4.84 -12.72
N GLN B 49 14.53 4.59 -11.44
CA GLN B 49 14.74 5.67 -10.48
C GLN B 49 15.79 5.30 -9.44
N ASP B 50 16.50 6.32 -8.96
CA ASP B 50 17.53 6.16 -7.94
C ASP B 50 16.90 5.64 -6.65
N GLY B 51 17.59 4.72 -5.99
CA GLY B 51 17.08 4.17 -4.75
C GLY B 51 17.66 2.81 -4.43
N MET B 52 17.20 2.23 -3.34
CA MET B 52 17.67 0.92 -2.89
C MET B 52 16.76 -0.19 -3.38
N LEU B 53 17.37 -1.25 -3.89
CA LEU B 53 16.65 -2.41 -4.40
C LEU B 53 16.14 -3.27 -3.25
N CYS B 54 14.82 -3.45 -3.17
CA CYS B 54 14.24 -4.27 -2.10
C CYS B 54 13.04 -5.10 -2.57
N GLY B 55 12.79 -6.21 -1.91
CA GLY B 55 11.66 -7.06 -2.25
C GLY B 55 12.01 -8.16 -3.25
N VAL B 56 13.28 -8.54 -3.30
CA VAL B 56 13.78 -9.56 -4.21
C VAL B 56 13.15 -10.95 -3.99
N PRO B 57 13.22 -11.47 -2.76
CA PRO B 57 12.64 -12.80 -2.47
C PRO B 57 11.14 -12.88 -2.81
N PHE B 58 10.41 -11.79 -2.54
CA PHE B 58 8.99 -11.76 -2.83
C PHE B 58 8.76 -11.79 -4.34
N ALA B 59 9.54 -11.00 -5.08
CA ALA B 59 9.43 -10.96 -6.54
C ALA B 59 9.88 -12.30 -7.13
N GLN B 60 10.92 -12.86 -6.52
CA GLN B 60 11.43 -14.15 -6.95
C GLN B 60 10.31 -15.19 -6.82
N GLU B 61 9.56 -15.13 -5.74
CA GLU B 61 8.46 -16.08 -5.54
C GLU B 61 7.40 -15.92 -6.64
N VAL B 62 7.20 -14.69 -7.12
CA VAL B 62 6.22 -14.47 -8.18
C VAL B 62 6.71 -15.20 -9.45
N PHE B 63 7.99 -15.06 -9.74
CA PHE B 63 8.57 -15.69 -10.92
C PHE B 63 8.59 -17.22 -10.81
N ASN B 64 8.84 -17.75 -9.60
CA ASN B 64 8.84 -19.20 -9.44
C ASN B 64 7.46 -19.77 -9.77
N GLN B 65 6.42 -19.20 -9.17
CA GLN B 65 5.07 -19.67 -9.39
C GLN B 65 4.65 -19.52 -10.85
N CYS B 66 5.25 -18.56 -11.54
CA CYS B 66 4.95 -18.34 -12.94
C CYS B 66 5.92 -19.14 -13.80
N GLU B 67 6.70 -19.98 -13.13
CA GLU B 67 7.69 -20.86 -13.76
C GLU B 67 8.58 -20.16 -14.78
N LEU B 68 9.35 -19.20 -14.29
CA LEU B 68 10.28 -18.44 -15.11
C LEU B 68 11.66 -18.63 -14.49
N GLN B 69 12.71 -18.29 -15.22
CA GLN B 69 14.07 -18.38 -14.70
C GLN B 69 14.55 -16.95 -14.55
N VAL B 70 15.05 -16.59 -13.38
CA VAL B 70 15.49 -15.22 -13.16
C VAL B 70 16.96 -15.12 -12.78
N GLU B 71 17.64 -14.15 -13.38
CA GLU B 71 19.05 -13.89 -13.12
C GLU B 71 19.15 -12.48 -12.57
N TRP B 72 19.38 -12.38 -11.27
CA TRP B 72 19.50 -11.08 -10.62
C TRP B 72 20.91 -10.52 -10.77
N LEU B 73 21.02 -9.31 -11.30
CA LEU B 73 22.33 -8.68 -11.49
C LEU B 73 22.75 -7.80 -10.31
N PHE B 74 21.93 -7.75 -9.27
CA PHE B 74 22.24 -6.96 -8.07
C PHE B 74 21.67 -7.62 -6.81
N LYS B 75 22.43 -7.58 -5.72
CA LYS B 75 21.96 -8.15 -4.47
C LYS B 75 20.92 -7.22 -3.87
N GLU B 76 20.02 -7.76 -3.06
CA GLU B 76 19.01 -6.93 -2.43
C GLU B 76 19.74 -5.95 -1.51
N GLY B 77 19.32 -4.68 -1.51
CA GLY B 77 19.97 -3.70 -0.68
C GLY B 77 20.90 -2.80 -1.48
N SER B 78 21.17 -3.17 -2.73
CA SER B 78 22.04 -2.39 -3.60
C SER B 78 21.41 -1.06 -3.97
N PHE B 79 22.22 0.00 -3.96
CA PHE B 79 21.75 1.31 -4.33
C PHE B 79 21.86 1.43 -5.85
N LEU B 80 20.74 1.74 -6.49
CA LEU B 80 20.70 1.86 -7.94
C LEU B 80 20.61 3.33 -8.35
N GLU B 81 21.37 3.71 -9.38
CA GLU B 81 21.40 5.06 -9.89
C GLU B 81 21.21 5.15 -11.38
N PRO B 82 19.98 5.03 -11.82
CA PRO B 82 19.64 4.96 -13.22
C PRO B 82 19.82 6.28 -13.97
N SER B 83 19.97 7.34 -13.21
CA SER B 83 20.03 8.67 -13.76
C SER B 83 21.35 8.90 -14.46
N LYS B 84 22.39 8.27 -13.95
CA LYS B 84 23.64 8.22 -14.64
C LYS B 84 23.80 7.04 -15.57
N ASN B 85 23.45 7.09 -16.85
CA ASN B 85 22.26 7.61 -17.45
C ASN B 85 21.61 6.42 -18.02
N ASP B 86 22.38 5.75 -18.87
CA ASP B 86 21.98 4.48 -19.45
C ASP B 86 20.63 4.50 -20.11
N SER B 87 20.25 5.65 -20.63
CA SER B 87 18.95 5.67 -21.18
C SER B 87 17.99 5.73 -20.04
N GLY B 88 18.46 6.18 -18.90
CA GLY B 88 17.61 6.33 -17.74
C GLY B 88 17.33 5.09 -16.92
N LYS B 89 17.76 3.94 -17.42
CA LYS B 89 17.42 2.70 -16.76
C LYS B 89 18.60 1.82 -16.49
N ILE B 90 18.43 0.90 -15.57
CA ILE B 90 19.43 -0.11 -15.19
C ILE B 90 18.76 -1.48 -15.07
N VAL B 91 19.26 -2.46 -15.83
CA VAL B 91 18.69 -3.80 -15.77
C VAL B 91 19.19 -4.47 -14.50
N VAL B 92 18.27 -4.90 -13.64
CA VAL B 92 18.65 -5.54 -12.39
C VAL B 92 18.35 -7.03 -12.41
N ALA B 93 17.65 -7.48 -13.45
CA ALA B 93 17.33 -8.89 -13.56
C ALA B 93 16.99 -9.26 -15.00
N LYS B 94 17.32 -10.49 -15.37
CA LYS B 94 17.03 -11.00 -16.71
C LYS B 94 16.09 -12.20 -16.56
N ILE B 95 14.92 -12.07 -17.19
CA ILE B 95 13.90 -13.10 -17.12
C ILE B 95 13.83 -13.95 -18.39
N THR B 96 13.61 -15.25 -18.22
CA THR B 96 13.48 -16.14 -19.36
C THR B 96 12.33 -17.10 -19.09
N GLY B 97 11.50 -17.35 -20.11
CA GLY B 97 10.38 -18.25 -19.95
C GLY B 97 9.26 -18.05 -20.96
N PRO B 98 8.20 -18.85 -20.90
CA PRO B 98 7.10 -18.68 -21.85
C PRO B 98 6.59 -17.25 -21.85
N ALA B 99 6.42 -16.70 -23.04
CA ALA B 99 5.95 -15.32 -23.21
C ALA B 99 4.79 -14.98 -22.28
N LYS B 100 3.72 -15.77 -22.32
CA LYS B 100 2.55 -15.49 -21.48
C LYS B 100 2.89 -15.46 -19.99
N ASN B 101 3.81 -16.32 -19.57
CA ASN B 101 4.19 -16.38 -18.16
C ASN B 101 4.89 -15.10 -17.73
N ILE B 102 5.75 -14.59 -18.60
CA ILE B 102 6.47 -13.36 -18.30
C ILE B 102 5.49 -12.20 -18.14
N LEU B 103 4.61 -12.05 -19.12
CA LEU B 103 3.63 -10.97 -19.12
C LEU B 103 2.62 -11.10 -17.98
N LEU B 104 2.40 -12.32 -17.51
CA LEU B 104 1.48 -12.54 -16.39
C LEU B 104 2.16 -12.12 -15.10
N ALA B 105 3.41 -12.53 -14.93
CA ALA B 105 4.17 -12.20 -13.73
C ALA B 105 4.56 -10.72 -13.65
N GLU B 106 4.67 -10.06 -14.79
CA GLU B 106 5.09 -8.66 -14.81
C GLU B 106 4.50 -7.70 -13.79
N ARG B 107 3.21 -7.39 -13.93
CA ARG B 107 2.58 -6.43 -13.05
C ARG B 107 2.71 -6.67 -11.56
N THR B 108 2.47 -7.89 -11.11
CA THR B 108 2.58 -8.21 -9.68
C THR B 108 3.99 -8.07 -9.14
N ALA B 109 4.96 -8.56 -9.90
CA ALA B 109 6.36 -8.49 -9.50
C ALA B 109 6.85 -7.06 -9.32
N LEU B 110 6.51 -6.21 -10.30
CA LEU B 110 6.91 -4.81 -10.25
C LEU B 110 6.17 -4.05 -9.16
N ASN B 111 4.88 -4.36 -8.98
CA ASN B 111 4.10 -3.70 -7.94
C ASN B 111 4.74 -3.99 -6.60
N ILE B 112 5.42 -5.12 -6.50
CA ILE B 112 6.11 -5.55 -5.28
C ILE B 112 7.43 -4.81 -5.11
N LEU B 113 8.23 -4.85 -6.17
CA LEU B 113 9.54 -4.23 -6.15
C LEU B 113 9.48 -2.74 -5.95
N SER B 114 8.60 -2.10 -6.71
CA SER B 114 8.46 -0.66 -6.65
C SER B 114 8.11 -0.17 -5.25
N ARG B 115 7.18 -0.85 -4.57
CA ARG B 115 6.80 -0.43 -3.23
C ARG B 115 7.84 -0.82 -2.19
N SER B 116 8.38 -2.03 -2.32
CA SER B 116 9.38 -2.51 -1.38
C SER B 116 10.62 -1.62 -1.48
N SER B 117 11.13 -1.43 -2.70
CA SER B 117 12.30 -0.57 -2.90
C SER B 117 11.97 0.83 -2.39
N GLY B 118 10.73 1.28 -2.64
CA GLY B 118 10.30 2.60 -2.20
C GLY B 118 10.38 2.79 -0.70
N ILE B 119 9.99 1.77 0.06
CA ILE B 119 10.03 1.85 1.52
C ILE B 119 11.47 1.76 2.04
N ALA B 120 12.29 0.91 1.44
CA ALA B 120 13.68 0.77 1.87
C ALA B 120 14.41 2.10 1.64
N THR B 121 14.18 2.71 0.47
CA THR B 121 14.78 3.98 0.09
C THR B 121 14.36 5.11 1.06
N ALA B 122 13.08 5.16 1.38
CA ALA B 122 12.56 6.16 2.30
C ALA B 122 13.11 5.87 3.68
N SER B 123 13.22 4.59 4.03
CA SER B 123 13.76 4.19 5.32
C SER B 123 15.22 4.58 5.47
N HIS B 124 16.02 4.22 4.47
CA HIS B 124 17.45 4.52 4.50
C HIS B 124 17.71 6.02 4.50
N LYS B 125 16.98 6.75 3.67
CA LYS B 125 17.13 8.20 3.58
C LYS B 125 16.93 8.86 4.95
N ILE B 126 15.88 8.45 5.66
CA ILE B 126 15.59 9.02 6.97
C ILE B 126 16.62 8.71 8.06
N ILE B 127 16.98 7.44 8.24
CA ILE B 127 17.95 7.13 9.30
C ILE B 127 19.28 7.77 8.95
N SER B 128 19.65 7.70 7.68
CA SER B 128 20.89 8.29 7.22
C SER B 128 20.91 9.77 7.58
N LEU B 129 19.79 10.44 7.30
CA LEU B 129 19.64 11.86 7.57
C LEU B 129 19.59 12.14 9.08
N ALA B 130 18.97 11.23 9.83
CA ALA B 130 18.86 11.41 11.27
C ALA B 130 20.19 11.08 11.96
N ARG B 131 20.96 10.19 11.33
CA ARG B 131 22.23 9.77 11.89
C ARG B 131 23.37 10.73 11.53
N SER B 132 23.12 11.60 10.57
CA SER B 132 24.12 12.56 10.13
C SER B 132 24.13 13.78 11.04
N THR B 133 23.25 13.78 12.03
CA THR B 133 23.17 14.90 12.97
C THR B 133 23.98 14.55 14.22
N GLY B 134 24.50 13.33 14.26
CA GLY B 134 25.27 12.89 15.41
C GLY B 134 24.44 11.95 16.27
N TYR B 135 23.14 11.91 15.99
CA TYR B 135 22.25 11.02 16.72
C TYR B 135 22.63 9.58 16.41
N LYS B 136 22.98 8.82 17.45
CA LYS B 136 23.38 7.44 17.28
C LYS B 136 22.31 6.47 17.80
N GLY B 137 21.11 7.00 18.05
CA GLY B 137 20.03 6.17 18.53
C GLY B 137 19.46 5.36 17.39
N THR B 138 18.22 4.91 17.51
CA THR B 138 17.61 4.12 16.46
C THR B 138 16.36 4.77 15.89
N ILE B 139 16.12 4.54 14.60
CA ILE B 139 14.94 5.05 13.95
C ILE B 139 14.05 3.84 13.70
N ALA B 140 12.80 3.92 14.14
CA ALA B 140 11.88 2.81 14.01
C ALA B 140 10.58 3.15 13.28
N GLY B 141 9.90 2.11 12.82
CA GLY B 141 8.64 2.31 12.12
C GLY B 141 7.47 2.27 13.09
N THR B 142 6.33 1.83 12.61
CA THR B 142 5.12 1.74 13.42
C THR B 142 4.28 0.56 12.96
N ARG B 143 3.00 0.55 13.36
CA ARG B 143 2.08 -0.50 12.94
C ARG B 143 1.14 0.10 11.92
N LYS B 144 1.50 1.26 11.40
CA LYS B 144 0.67 1.95 10.42
C LYS B 144 0.98 1.47 9.01
N THR B 145 1.06 0.14 8.87
CA THR B 145 1.35 -0.52 7.61
C THR B 145 0.12 -0.72 6.73
N THR B 146 0.35 -1.09 5.47
CA THR B 146 -0.73 -1.33 4.53
C THR B 146 -1.41 -2.64 4.91
N PRO B 147 -2.73 -2.63 5.08
CA PRO B 147 -3.41 -3.88 5.46
C PRO B 147 -3.07 -5.03 4.51
N GLY B 148 -2.74 -6.19 5.09
CA GLY B 148 -2.42 -7.36 4.28
C GLY B 148 -1.02 -7.37 3.70
N LEU B 149 -0.27 -6.29 3.88
CA LEU B 149 1.09 -6.23 3.32
C LEU B 149 2.13 -5.96 4.40
N ARG B 150 1.79 -6.23 5.66
CA ARG B 150 2.72 -5.99 6.74
C ARG B 150 4.03 -6.75 6.62
N ARG B 151 3.98 -8.02 6.21
CA ARG B 151 5.21 -8.79 6.10
C ARG B 151 6.24 -8.12 5.20
N LEU B 152 5.81 -7.69 4.01
CA LEU B 152 6.70 -7.07 3.04
C LEU B 152 7.18 -5.67 3.45
N GLU B 153 6.28 -4.87 4.02
CA GLU B 153 6.62 -3.51 4.44
C GLU B 153 7.58 -3.48 5.62
N LYS B 154 7.39 -4.38 6.58
CA LYS B 154 8.29 -4.45 7.72
C LYS B 154 9.65 -4.91 7.22
N TYR B 155 9.63 -5.87 6.31
CA TYR B 155 10.84 -6.42 5.71
C TYR B 155 11.63 -5.30 5.01
N SER B 156 10.91 -4.43 4.30
CA SER B 156 11.54 -3.32 3.57
C SER B 156 12.18 -2.30 4.51
N MET B 157 11.66 -2.18 5.73
CA MET B 157 12.22 -1.27 6.73
C MET B 157 13.58 -1.78 7.16
N LEU B 158 13.67 -3.09 7.34
CA LEU B 158 14.92 -3.74 7.75
C LEU B 158 16.03 -3.58 6.73
N VAL B 159 15.69 -3.67 5.45
CA VAL B 159 16.68 -3.55 4.38
C VAL B 159 17.07 -2.09 4.21
N GLY B 160 16.14 -1.19 4.55
CA GLY B 160 16.41 0.23 4.46
C GLY B 160 17.32 0.69 5.58
N GLY B 161 17.52 -0.20 6.55
CA GLY B 161 18.40 0.12 7.67
C GLY B 161 17.75 0.53 8.98
N CYS B 162 16.42 0.60 9.03
CA CYS B 162 15.76 1.01 10.27
C CYS B 162 15.28 -0.18 11.10
N ASP B 163 14.72 0.14 12.25
CA ASP B 163 14.19 -0.85 13.16
C ASP B 163 12.71 -0.96 12.75
N THR B 164 12.18 -2.17 12.80
CA THR B 164 10.79 -2.42 12.43
C THR B 164 9.83 -2.09 13.57
N HIS B 165 10.38 -2.09 14.78
CA HIS B 165 9.62 -1.86 16.01
C HIS B 165 8.81 -3.14 16.16
N ARG B 166 7.88 -3.18 17.12
CA ARG B 166 7.03 -4.36 17.36
C ARG B 166 6.32 -4.73 16.05
N TYR B 167 6.17 -6.01 15.76
CA TYR B 167 5.51 -6.43 14.53
C TYR B 167 3.98 -6.28 14.58
N ASP B 168 3.38 -6.70 15.69
CA ASP B 168 1.93 -6.63 15.83
C ASP B 168 1.50 -6.51 17.30
N LEU B 169 0.20 -6.59 17.55
CA LEU B 169 -0.35 -6.49 18.90
C LEU B 169 -0.02 -7.66 19.84
N SER B 170 0.65 -8.68 19.32
CA SER B 170 1.02 -9.83 20.14
C SER B 170 2.52 -9.85 20.37
N SER B 171 3.23 -8.89 19.80
CA SER B 171 4.67 -8.86 19.91
C SER B 171 5.23 -8.22 21.18
N MET B 172 4.83 -6.99 21.46
CA MET B 172 5.28 -6.27 22.63
C MET B 172 4.08 -5.50 23.15
N VAL B 173 3.85 -5.54 24.46
CA VAL B 173 2.72 -4.82 25.00
C VAL B 173 3.02 -3.33 24.92
N MET B 174 2.04 -2.56 24.47
CA MET B 174 2.20 -1.11 24.37
C MET B 174 1.00 -0.44 25.02
N LEU B 175 1.21 0.04 26.24
CA LEU B 175 0.15 0.68 26.99
C LEU B 175 0.20 2.21 26.89
N LYS B 176 -0.90 2.80 26.47
CA LYS B 176 -0.99 4.25 26.35
C LYS B 176 -2.18 4.52 27.28
N ASP B 177 -2.59 5.78 27.33
CA ASP B 177 -3.37 6.41 28.40
C ASP B 177 -4.62 5.59 28.69
N ASN B 178 -5.21 5.05 27.63
CA ASN B 178 -6.41 4.24 27.73
C ASN B 178 -6.18 3.09 28.69
N HIS B 179 -5.18 2.28 28.38
CA HIS B 179 -4.84 1.11 29.18
C HIS B 179 -4.61 1.47 30.65
N ILE B 180 -3.83 2.53 30.89
CA ILE B 180 -3.54 2.93 32.25
C ILE B 180 -4.78 3.36 33.04
N TRP B 181 -5.63 4.18 32.44
CA TRP B 181 -6.84 4.63 33.14
C TRP B 181 -7.62 3.41 33.60
N ALA B 182 -7.75 2.43 32.71
CA ALA B 182 -8.48 1.20 32.99
C ALA B 182 -8.07 0.21 34.08
N THR B 183 -6.79 -0.11 34.13
CA THR B 183 -6.17 -0.83 35.25
C THR B 183 -5.98 0.10 36.44
N GLY B 184 -6.08 1.40 36.20
CA GLY B 184 -5.91 2.38 37.26
C GLY B 184 -4.47 2.87 37.34
N SER B 185 -3.66 2.15 38.11
CA SER B 185 -2.25 2.49 38.29
C SER B 185 -1.37 1.96 37.17
N ILE B 186 -0.34 2.71 36.82
CA ILE B 186 0.58 2.29 35.78
C ILE B 186 1.30 1.05 36.30
N THR B 187 1.41 0.96 37.62
CA THR B 187 2.06 -0.19 38.23
C THR B 187 1.13 -1.39 38.17
N ASN B 188 -0.17 -1.11 38.04
CA ASN B 188 -1.19 -2.15 37.94
C ASN B 188 -1.35 -2.52 36.48
N ALA B 189 -1.31 -1.50 35.63
CA ALA B 189 -1.43 -1.69 34.19
C ALA B 189 -0.30 -2.58 33.73
N VAL B 190 0.91 -2.26 34.19
CA VAL B 190 2.10 -3.02 33.85
C VAL B 190 2.04 -4.37 34.56
N LYS B 191 1.46 -4.40 35.74
CA LYS B 191 1.34 -5.62 36.53
C LYS B 191 0.52 -6.64 35.76
N ASN B 192 -0.66 -6.23 35.34
CA ASN B 192 -1.55 -7.11 34.58
C ASN B 192 -0.89 -7.50 33.26
N ALA B 193 -0.38 -6.50 32.54
CA ALA B 193 0.30 -6.75 31.28
C ALA B 193 1.35 -7.83 31.48
N ARG B 194 2.15 -7.69 32.53
CA ARG B 194 3.21 -8.66 32.82
C ARG B 194 2.63 -10.03 33.18
N ALA B 195 1.42 -10.03 33.72
CA ALA B 195 0.75 -11.26 34.12
C ALA B 195 0.48 -12.21 32.95
N VAL B 196 0.12 -11.64 31.80
CA VAL B 196 -0.17 -12.45 30.61
C VAL B 196 0.97 -12.54 29.61
N CYS B 197 1.65 -11.43 29.33
CA CYS B 197 2.73 -11.46 28.36
C CYS B 197 3.94 -12.24 28.87
N GLY B 198 4.09 -12.35 30.19
CA GLY B 198 5.21 -13.09 30.75
C GLY B 198 6.55 -12.42 30.56
N PHE B 199 7.63 -13.19 30.72
CA PHE B 199 8.99 -12.65 30.61
C PHE B 199 9.53 -12.54 29.18
N ALA B 200 9.02 -13.35 28.27
CA ALA B 200 9.52 -13.33 26.91
C ALA B 200 9.19 -12.09 26.09
N VAL B 201 8.28 -11.25 26.58
CA VAL B 201 7.93 -10.04 25.82
C VAL B 201 8.09 -8.75 26.63
N LYS B 202 8.51 -7.69 25.93
CA LYS B 202 8.72 -6.39 26.54
C LYS B 202 7.43 -5.59 26.71
N ILE B 203 7.42 -4.72 27.71
CA ILE B 203 6.26 -3.88 27.96
C ILE B 203 6.70 -2.43 27.85
N GLU B 204 5.99 -1.68 27.02
CA GLU B 204 6.29 -0.28 26.83
C GLU B 204 5.09 0.54 27.29
N VAL B 205 5.37 1.65 27.96
CA VAL B 205 4.32 2.52 28.48
C VAL B 205 4.46 3.95 27.96
N GLU B 206 3.36 4.51 27.46
CA GLU B 206 3.34 5.88 26.95
C GLU B 206 3.07 6.84 28.10
N CYS B 207 4.07 7.65 28.45
CA CYS B 207 3.94 8.59 29.56
C CYS B 207 3.85 10.06 29.15
N LEU B 208 3.44 10.90 30.11
CA LEU B 208 3.32 12.33 29.89
C LEU B 208 4.26 13.07 30.83
N SER B 209 4.16 12.74 32.13
CA SER B 209 4.99 13.36 33.14
C SER B 209 5.88 12.32 33.79
N GLU B 210 6.92 12.76 34.50
CA GLU B 210 7.82 11.84 35.16
C GLU B 210 7.01 10.88 36.02
N ASP B 211 5.96 11.41 36.64
CA ASP B 211 5.08 10.61 37.49
C ASP B 211 4.80 9.27 36.81
N GLU B 212 4.15 9.34 35.66
CA GLU B 212 3.83 8.14 34.90
C GLU B 212 5.10 7.39 34.56
N ALA B 213 6.05 8.08 33.92
CA ALA B 213 7.31 7.47 33.54
C ALA B 213 8.10 7.06 34.77
N THR B 214 7.51 7.25 35.95
CA THR B 214 8.16 6.89 37.20
C THR B 214 7.71 5.50 37.62
N GLU B 215 6.40 5.39 37.81
CA GLU B 215 5.78 4.16 38.26
C GLU B 215 5.88 3.13 37.17
N ALA B 216 5.85 3.62 35.94
CA ALA B 216 6.17 2.84 34.77
C ALA B 216 7.50 2.16 34.77
N ILE B 217 8.53 2.88 35.16
CA ILE B 217 9.84 2.30 35.22
C ILE B 217 9.72 1.42 36.41
N GLU B 218 8.78 1.76 37.27
CA GLU B 218 8.67 1.18 38.59
C GLU B 218 8.18 -0.23 38.51
N ALA B 219 6.91 -0.36 38.18
CA ALA B 219 6.24 -1.63 37.87
C ALA B 219 7.06 -2.66 37.08
N GLY B 220 7.91 -2.18 36.20
CA GLY B 220 8.82 -3.03 35.48
C GLY B 220 8.67 -2.96 33.98
N ALA B 221 8.40 -1.78 33.48
CA ALA B 221 8.19 -1.53 32.07
C ALA B 221 9.51 -1.44 31.33
N ASP B 222 9.64 -2.15 30.23
CA ASP B 222 10.93 -2.23 29.57
C ASP B 222 11.28 -1.05 28.72
N VAL B 223 10.27 -0.37 28.26
CA VAL B 223 10.43 0.77 27.38
C VAL B 223 9.45 1.87 27.77
N ILE B 224 9.91 3.11 27.81
CA ILE B 224 9.02 4.21 28.15
C ILE B 224 8.92 5.15 26.96
N MET B 225 7.72 5.43 26.51
CA MET B 225 7.60 6.35 25.46
C MET B 225 7.27 7.70 26.05
N LEU B 226 7.99 8.73 25.63
CA LEU B 226 7.75 10.06 26.16
C LEU B 226 7.25 10.87 25.05
N ASP B 227 6.01 11.26 25.19
CA ASP B 227 5.27 11.75 24.08
C ASP B 227 5.18 13.25 23.97
N ASN B 228 4.72 13.95 25.00
CA ASN B 228 4.60 15.41 24.90
C ASN B 228 3.18 15.87 24.70
N HIS B 250 18.17 0.35 33.09
CA HIS B 250 17.75 -0.99 32.71
C HIS B 250 16.45 -0.92 31.91
N PHE B 251 16.24 0.19 31.22
CA PHE B 251 15.04 0.38 30.39
C PHE B 251 15.36 1.32 29.23
N LEU B 252 14.52 1.32 28.21
CA LEU B 252 14.74 2.17 27.05
C LEU B 252 13.76 3.33 26.95
N LEU B 253 14.15 4.36 26.21
CA LEU B 253 13.31 5.53 26.01
C LEU B 253 12.97 5.71 24.55
N GLU B 254 11.73 6.10 24.27
CA GLU B 254 11.28 6.29 22.90
C GLU B 254 10.56 7.61 22.73
N CYS B 255 10.58 8.11 21.50
CA CYS B 255 9.92 9.36 21.17
C CYS B 255 9.22 9.15 19.83
N SER B 256 7.89 9.15 19.84
CA SER B 256 7.13 8.93 18.62
C SER B 256 6.69 10.24 17.96
N GLY B 257 7.04 10.40 16.68
CA GLY B 257 6.66 11.61 15.96
C GLY B 257 7.65 11.99 14.86
N GLY B 258 8.93 12.07 15.23
CA GLY B 258 9.98 12.42 14.29
C GLY B 258 9.57 13.03 12.97
N LEU B 259 9.75 14.35 12.82
CA LEU B 259 9.36 15.03 11.60
C LEU B 259 10.57 15.63 10.89
N ASN B 260 11.23 16.59 11.54
CA ASN B 260 12.40 17.23 10.94
C ASN B 260 13.21 18.10 11.90
N LEU B 261 14.49 18.26 11.59
CA LEU B 261 15.42 19.05 12.38
C LEU B 261 15.15 18.98 13.87
N LEU B 268 15.10 18.73 17.25
CA LEU B 268 16.07 17.80 16.69
C LEU B 268 16.20 16.57 17.59
N CYS B 269 16.89 15.56 17.09
CA CYS B 269 17.09 14.32 17.85
C CYS B 269 18.00 14.60 19.04
N ASP B 270 17.60 14.13 20.23
CA ASP B 270 18.39 14.37 21.43
C ASP B 270 18.56 13.18 22.37
N ASP B 271 19.64 12.43 22.16
CA ASP B 271 19.98 11.26 22.97
C ASP B 271 18.87 10.41 23.58
N ILE B 272 17.82 10.18 22.79
CA ILE B 272 16.72 9.32 23.21
C ILE B 272 17.09 8.03 22.49
N ASP B 273 16.74 6.88 23.05
CA ASP B 273 17.11 5.61 22.41
C ASP B 273 16.39 5.31 21.11
N ILE B 274 15.13 5.72 20.99
CA ILE B 274 14.35 5.44 19.80
C ILE B 274 13.40 6.54 19.34
N TYR B 275 13.45 6.86 18.05
CA TYR B 275 12.55 7.84 17.47
C TYR B 275 11.71 7.07 16.45
N SER B 276 10.42 6.95 16.71
CA SER B 276 9.52 6.23 15.82
C SER B 276 8.82 7.16 14.86
N THR B 277 8.63 6.72 13.63
CA THR B 277 7.96 7.54 12.65
C THR B 277 7.46 6.71 11.46
N SER B 278 6.19 6.90 11.11
CA SER B 278 5.59 6.18 10.00
C SER B 278 6.08 6.72 8.65
N SER B 279 6.86 7.80 8.70
CA SER B 279 7.39 8.42 7.49
C SER B 279 8.30 7.50 6.68
N ILE B 280 8.93 6.54 7.35
CA ILE B 280 9.82 5.62 6.65
C ILE B 280 9.09 4.53 5.87
N HIS B 281 7.78 4.38 6.05
CA HIS B 281 7.07 3.33 5.33
C HIS B 281 5.68 3.65 4.81
N GLN B 282 4.96 4.54 5.50
CA GLN B 282 3.60 4.89 5.09
C GLN B 282 3.55 6.13 4.19
N GLY B 283 2.86 6.01 3.06
CA GLY B 283 2.73 7.12 2.14
C GLY B 283 4.02 7.54 1.47
N THR B 284 5.00 6.64 1.40
CA THR B 284 6.27 6.95 0.76
C THR B 284 6.12 6.81 -0.75
N PRO B 285 6.99 7.49 -1.50
CA PRO B 285 6.94 7.42 -2.97
C PRO B 285 7.45 6.05 -3.38
N VAL B 286 7.16 5.66 -4.61
CA VAL B 286 7.59 4.36 -5.10
C VAL B 286 8.80 4.49 -6.04
N ILE B 287 9.57 3.41 -6.15
CA ILE B 287 10.72 3.39 -7.06
C ILE B 287 10.27 2.66 -8.32
N ASP B 288 10.14 3.39 -9.42
CA ASP B 288 9.68 2.80 -10.67
C ASP B 288 10.57 1.74 -11.30
N PHE B 289 9.89 0.75 -11.89
CA PHE B 289 10.53 -0.36 -12.57
C PHE B 289 9.74 -0.65 -13.82
N SER B 290 10.34 -1.40 -14.73
CA SER B 290 9.65 -1.79 -15.93
C SER B 290 10.25 -3.10 -16.37
N LEU B 291 9.54 -3.80 -17.24
CA LEU B 291 10.00 -5.06 -17.77
C LEU B 291 9.68 -5.08 -19.25
N LYS B 292 10.68 -5.35 -20.08
CA LYS B 292 10.46 -5.38 -21.51
C LYS B 292 11.08 -6.61 -22.13
N LEU B 293 10.32 -7.29 -22.99
CA LEU B 293 10.84 -8.48 -23.65
C LEU B 293 11.92 -8.07 -24.64
N ALA B 294 12.93 -8.93 -24.77
CA ALA B 294 14.07 -8.69 -25.67
C ALA B 294 13.71 -8.07 -27.01
N HIS B 295 12.87 -8.77 -27.78
CA HIS B 295 12.46 -8.28 -29.08
C HIS B 295 11.02 -7.78 -29.07
O8 PHT C . -0.79 -1.89 -15.45
O9 PHT C . 0.88 -1.08 -16.64
C10 PHT C . -3.09 -1.88 -17.14
O11 PHT C . -4.27 -2.07 -16.77
O12 PHT C . -2.30 -2.81 -17.47
C7 PHT C . -0.32 -1.09 -16.30
C1 PHT C . -3.45 0.53 -17.79
C2 PHT C . -2.59 -0.44 -17.28
C3 PHT C . -1.27 -0.09 -16.95
C4 PHT C . -0.84 1.21 -17.16
C5 PHT C . -1.70 2.18 -17.69
C6 PHT C . -3.01 1.83 -17.99
O8 PHT D . 0.24 3.53 16.91
O9 PHT D . 0.91 2.32 15.18
C10 PHT D . 2.66 0.59 17.29
O11 PHT D . 1.44 0.55 17.52
O12 PHT D . 3.39 -0.42 17.19
C7 PHT D . 1.13 2.95 16.23
C1 PHT D . 4.67 2.11 17.41
C2 PHT D . 3.32 1.96 17.09
C3 PHT D . 2.59 3.07 16.69
C4 PHT D . 3.21 4.33 16.61
C5 PHT D . 4.56 4.46 16.92
C6 PHT D . 5.29 3.35 17.32
#